data_3ULP
#
_entry.id   3ULP
#
_cell.length_a   118.017
_cell.length_b   82.794
_cell.length_c   87.556
_cell.angle_alpha   90.00
_cell.angle_beta   99.57
_cell.angle_gamma   90.00
#
_symmetry.space_group_name_H-M   'C 1 2 1'
#
loop_
_entity.id
_entity.type
_entity.pdbx_description
1 polymer 'Single-strand binding protein'
2 polymer 'DNA (35-MER)'
3 water water
#
loop_
_entity_poly.entity_id
_entity_poly.type
_entity_poly.pdbx_seq_one_letter_code
_entity_poly.pdbx_strand_id
1 'polypeptide(L)'
;MNEKSLNKIMLIGRVGCEPDIKILNGGDKVATFSLATNEFWRDRNTNELKSKTDWHRIVVYDQNIVDLIDKYLRKGRRVY
VQGSLHTRKWHTNDMNSQPKQITEIILSYNKGDLIFLDDKRNFN
;
A,B,C,D
2 'polydeoxyribonucleotide'
;(DT)(DT)(DT)(DT)(DT)(DT)(DT)(DT)(DT)(DT)(DT)(DT)(DT)(DT)(DT)(DT)(DT)(DT)(DT)(DT)
(DT)(DT)(DT)(DT)(DT)(DT)(DT)(DT)(DT)(DT)(DT)(DT)(DT)(DT)(DT)
;
R,Q
#
loop_
_chem_comp.id
_chem_comp.type
_chem_comp.name
_chem_comp.formula
DT DNA linking THYMIDINE-5'-MONOPHOSPHATE 'C10 H15 N2 O8 P'
#
# COMPACT_ATOMS: atom_id res chain seq x y z
N MET A 1 -8.06 -13.53 -18.85
CA MET A 1 -9.17 -12.77 -18.21
C MET A 1 -9.53 -13.40 -16.86
N ASN A 2 -8.58 -14.14 -16.27
CA ASN A 2 -8.84 -14.94 -15.07
C ASN A 2 -7.66 -15.05 -14.10
N GLU A 3 -6.44 -14.82 -14.57
CA GLU A 3 -5.32 -14.92 -13.62
C GLU A 3 -5.47 -13.85 -12.53
N LYS A 4 -5.34 -14.30 -11.28
CA LYS A 4 -5.41 -13.39 -10.13
C LYS A 4 -4.50 -12.16 -10.28
N SER A 5 -5.05 -10.97 -10.04
CA SER A 5 -4.24 -9.76 -10.15
C SER A 5 -4.36 -8.89 -8.90
N LEU A 6 -3.62 -7.79 -8.85
CA LEU A 6 -3.75 -6.84 -7.74
C LEU A 6 -4.02 -5.47 -8.30
N ASN A 7 -5.00 -4.78 -7.72
CA ASN A 7 -5.34 -3.45 -8.19
C ASN A 7 -5.72 -2.60 -7.00
N LYS A 8 -4.78 -1.82 -6.51
CA LYS A 8 -5.02 -1.14 -5.25
C LYS A 8 -4.48 0.28 -5.28
N ILE A 9 -5.37 1.22 -5.04
CA ILE A 9 -4.96 2.61 -4.99
C ILE A 9 -5.30 3.22 -3.65
N MET A 10 -4.40 4.06 -3.13
CA MET A 10 -4.53 4.61 -1.81
C MET A 10 -4.27 6.09 -1.90
N LEU A 11 -5.15 6.91 -1.35
CA LEU A 11 -5.07 8.35 -1.52
C LEU A 11 -5.31 9.03 -0.18
N ILE A 12 -4.65 10.18 0.02
CA ILE A 12 -5.02 11.06 1.14
C ILE A 12 -5.05 12.42 0.51
N GLY A 13 -6.17 13.12 0.69
CA GLY A 13 -6.46 14.35 -0.04
C GLY A 13 -7.76 14.99 0.39
N ARG A 14 -8.19 16.03 -0.33
CA ARG A 14 -9.25 16.90 0.14
C ARG A 14 -10.49 16.74 -0.73
N VAL A 15 -11.67 16.68 -0.09
CA VAL A 15 -12.92 16.50 -0.84
C VAL A 15 -13.27 17.81 -1.52
N GLY A 16 -13.50 17.76 -2.83
CA GLY A 16 -13.76 18.97 -3.59
C GLY A 16 -15.20 19.48 -3.64
N CYS A 17 -16.16 18.69 -3.17
CA CYS A 17 -17.59 18.94 -3.41
C CYS A 17 -18.39 18.24 -2.33
N GLU A 18 -19.64 18.65 -2.11
CA GLU A 18 -20.60 17.87 -1.36
C GLU A 18 -20.80 16.50 -2.02
N PRO A 19 -20.55 15.41 -1.29
CA PRO A 19 -20.85 14.09 -1.85
C PRO A 19 -22.26 13.98 -2.39
N ASP A 20 -22.42 13.28 -3.51
CA ASP A 20 -23.69 12.94 -4.09
C ASP A 20 -24.07 11.51 -3.67
N ILE A 21 -25.19 11.38 -2.97
CA ILE A 21 -25.72 10.07 -2.58
C ILE A 21 -26.90 9.69 -3.47
N LYS A 22 -26.75 8.62 -4.25
CA LYS A 22 -27.85 8.14 -5.07
C LYS A 22 -28.46 6.83 -4.55
N ILE A 23 -29.78 6.69 -4.62
CA ILE A 23 -30.45 5.46 -4.20
C ILE A 23 -30.87 4.64 -5.40
N LEU A 24 -30.41 3.41 -5.47
CA LEU A 24 -30.66 2.61 -6.67
C LEU A 24 -31.94 1.80 -6.42
N ASN A 25 -32.48 1.22 -7.49
CA ASN A 25 -33.58 0.25 -7.38
C ASN A 25 -33.34 -0.81 -6.30
N GLY A 26 -34.35 -1.07 -5.48
CA GLY A 26 -34.19 -1.97 -4.33
C GLY A 26 -33.53 -1.34 -3.10
N GLY A 27 -32.93 -0.17 -3.26
CA GLY A 27 -32.54 0.60 -2.08
C GLY A 27 -31.05 0.67 -1.74
N ASP A 28 -30.19 -0.09 -2.42
CA ASP A 28 -28.75 0.08 -2.26
C ASP A 28 -28.37 1.52 -2.62
N LYS A 29 -27.47 2.11 -1.83
CA LYS A 29 -27.02 3.47 -2.11
C LYS A 29 -25.63 3.49 -2.75
N VAL A 30 -25.33 4.57 -3.49
CA VAL A 30 -24.00 4.77 -4.05
C VAL A 30 -23.66 6.26 -3.87
N ALA A 31 -22.43 6.49 -3.42
CA ALA A 31 -21.93 7.83 -3.12
C ALA A 31 -20.81 8.11 -4.12
N THR A 32 -20.74 9.36 -4.61
CA THR A 32 -19.61 9.79 -5.39
C THR A 32 -19.16 11.15 -4.88
N PHE A 33 -17.87 11.42 -5.05
CA PHE A 33 -17.29 12.73 -4.72
C PHE A 33 -15.94 12.83 -5.38
N SER A 34 -15.36 14.02 -5.40
CA SER A 34 -14.10 14.22 -6.11
C SER A 34 -13.04 14.46 -5.04
N LEU A 35 -11.85 13.90 -5.20
CA LEU A 35 -10.78 14.08 -4.19
C LEU A 35 -9.50 14.65 -4.84
N ALA A 36 -8.97 15.72 -4.24
CA ALA A 36 -7.82 16.40 -4.84
C ALA A 36 -6.56 15.93 -4.13
N THR A 37 -5.57 15.44 -4.89
CA THR A 37 -4.22 15.23 -4.34
C THR A 37 -3.23 16.15 -5.07
N ASN A 38 -2.07 16.42 -4.47
CA ASN A 38 -1.04 17.16 -5.20
C ASN A 38 0.35 16.56 -5.06
N GLU A 39 1.16 16.75 -6.11
CA GLU A 39 2.61 16.45 -6.05
C GLU A 39 3.38 17.75 -6.13
N PHE A 40 4.59 17.74 -5.56
CA PHE A 40 5.52 18.87 -5.62
C PHE A 40 6.93 18.33 -5.83
N TRP A 41 7.66 18.88 -6.80
CA TRP A 41 8.94 18.30 -7.20
C TRP A 41 9.85 19.35 -7.86
N ARG A 42 11.14 19.01 -8.00
CA ARG A 42 12.08 19.91 -8.68
C ARG A 42 12.35 19.46 -10.11
N ASP A 43 12.17 20.36 -11.07
CA ASP A 43 12.34 19.97 -12.44
C ASP A 43 13.69 19.30 -12.62
N ARG A 44 13.77 18.43 -13.61
CA ARG A 44 14.96 17.61 -13.87
C ARG A 44 16.10 18.55 -14.31
N ASN A 45 15.78 19.43 -15.24
CA ASN A 45 16.78 20.23 -15.93
C ASN A 45 17.16 21.52 -15.20
N THR A 46 16.15 22.22 -14.67
CA THR A 46 16.28 23.60 -14.24
C THR A 46 16.28 23.68 -12.72
N ASN A 47 15.84 22.62 -12.07
CA ASN A 47 15.63 22.68 -10.63
C ASN A 47 14.49 23.57 -10.12
N GLU A 48 13.63 24.04 -10.99
CA GLU A 48 12.53 24.86 -10.48
C GLU A 48 11.48 24.04 -9.73
N LEU A 49 10.89 24.62 -8.68
CA LEU A 49 9.85 23.97 -7.93
C LEU A 49 8.59 23.83 -8.78
N LYS A 50 8.10 22.60 -8.92
CA LYS A 50 6.88 22.39 -9.66
C LYS A 50 5.81 21.72 -8.82
N SER A 51 4.55 21.96 -9.18
CA SER A 51 3.48 21.20 -8.58
C SER A 51 2.39 20.87 -9.59
N LYS A 52 1.56 19.90 -9.22
CA LYS A 52 0.38 19.55 -9.97
C LYS A 52 -0.66 18.95 -9.02
N THR A 53 -1.92 19.31 -9.25
CA THR A 53 -3.03 18.84 -8.43
C THR A 53 -3.84 17.91 -9.30
N ASP A 54 -4.06 16.67 -8.84
CA ASP A 54 -4.95 15.74 -9.56
C ASP A 54 -6.28 15.60 -8.84
N TRP A 55 -7.36 15.52 -9.62
CA TRP A 55 -8.70 15.33 -9.10
C TRP A 55 -9.21 13.90 -9.38
N HIS A 56 -9.50 13.15 -8.32
CA HIS A 56 -9.84 11.75 -8.47
C HIS A 56 -11.36 11.59 -8.27
N ARG A 57 -12.03 10.90 -9.18
CA ARG A 57 -13.46 10.59 -8.98
C ARG A 57 -13.58 9.31 -8.17
N ILE A 58 -14.21 9.41 -7.00
CA ILE A 58 -14.39 8.30 -6.07
C ILE A 58 -15.85 7.81 -6.08
N VAL A 59 -16.05 6.50 -6.22
CA VAL A 59 -17.39 5.93 -6.31
C VAL A 59 -17.49 4.80 -5.29
N VAL A 60 -18.43 4.94 -4.36
CA VAL A 60 -18.51 4.05 -3.23
C VAL A 60 -19.82 3.22 -3.30
N TYR A 61 -19.66 1.90 -3.34
CA TYR A 61 -20.79 0.99 -3.41
C TYR A 61 -20.89 0.23 -2.09
N ASP A 62 -19.84 0.32 -1.28
CA ASP A 62 -19.93 -0.21 0.09
C ASP A 62 -20.96 0.50 0.94
N GLN A 63 -21.96 -0.24 1.44
CA GLN A 63 -23.12 0.40 2.09
C GLN A 63 -22.77 0.97 3.45
N ASN A 64 -21.85 0.32 4.16
CA ASN A 64 -21.45 0.90 5.44
C ASN A 64 -20.71 2.22 5.23
N ILE A 65 -19.89 2.29 4.18
CA ILE A 65 -19.14 3.52 3.95
C ILE A 65 -19.99 4.63 3.32
N VAL A 66 -20.96 4.26 2.47
CA VAL A 66 -21.95 5.24 1.99
C VAL A 66 -22.72 5.92 3.10
N ASP A 67 -23.08 5.15 4.11
CA ASP A 67 -23.77 5.72 5.27
C ASP A 67 -22.92 6.74 6.02
N LEU A 68 -21.70 6.33 6.35
CA LEU A 68 -20.74 7.24 6.98
C LEU A 68 -20.55 8.51 6.15
N ILE A 69 -20.49 8.35 4.83
CA ILE A 69 -20.32 9.51 3.95
C ILE A 69 -21.54 10.41 4.03
N ASP A 70 -22.72 9.79 4.00
CA ASP A 70 -24.00 10.49 4.06
C ASP A 70 -24.05 11.36 5.29
N LYS A 71 -23.72 10.75 6.42
CA LYS A 71 -23.79 11.42 7.71
C LYS A 71 -22.71 12.47 7.87
N TYR A 72 -21.48 12.14 7.49
CA TYR A 72 -20.31 12.84 8.01
C TYR A 72 -19.43 13.59 7.02
N LEU A 73 -19.41 13.17 5.76
CA LEU A 73 -18.40 13.70 4.82
C LEU A 73 -18.92 14.97 4.15
N ARG A 74 -18.17 16.05 4.31
CA ARG A 74 -18.51 17.36 3.76
C ARG A 74 -17.43 17.86 2.79
N LYS A 75 -17.79 18.78 1.90
CA LYS A 75 -16.84 19.57 1.14
C LYS A 75 -15.70 20.07 2.02
N GLY A 76 -14.45 19.84 1.61
CA GLY A 76 -13.33 20.48 2.30
C GLY A 76 -12.61 19.58 3.29
N ARG A 77 -13.22 18.44 3.61
CA ARG A 77 -12.66 17.53 4.60
C ARG A 77 -11.49 16.73 3.99
N ARG A 78 -10.55 16.38 4.84
CA ARG A 78 -9.43 15.53 4.47
C ARG A 78 -9.74 14.08 4.79
N VAL A 79 -9.46 13.17 3.85
CA VAL A 79 -9.74 11.77 4.07
C VAL A 79 -8.64 10.90 3.46
N TYR A 80 -8.48 9.71 4.02
CA TYR A 80 -7.84 8.60 3.39
C TYR A 80 -8.90 7.75 2.68
N VAL A 81 -8.60 7.40 1.44
CA VAL A 81 -9.43 6.51 0.66
C VAL A 81 -8.56 5.41 0.09
N GLN A 82 -9.08 4.19 0.15
CA GLN A 82 -8.48 3.09 -0.56
C GLN A 82 -9.49 2.32 -1.40
N GLY A 83 -9.12 2.06 -2.65
CA GLY A 83 -10.00 1.24 -3.47
C GLY A 83 -9.26 0.60 -4.61
N SER A 84 -9.94 0.47 -5.74
CA SER A 84 -9.42 -0.15 -6.97
C SER A 84 -9.64 0.85 -8.09
N LEU A 85 -8.80 0.79 -9.10
CA LEU A 85 -8.87 1.76 -10.19
C LEU A 85 -9.46 1.09 -11.45
N HIS A 86 -10.51 1.67 -12.01
CA HIS A 86 -11.20 1.05 -13.16
C HIS A 86 -11.61 2.10 -14.17
N THR A 87 -11.53 1.77 -15.43
CA THR A 87 -11.96 2.69 -16.47
C THR A 87 -13.17 2.09 -17.20
N ARG A 88 -14.18 2.90 -17.46
CA ARG A 88 -15.36 2.42 -18.19
C ARG A 88 -15.62 3.30 -19.42
N LYS A 89 -16.13 2.68 -20.48
CA LYS A 89 -16.51 3.42 -21.68
C LYS A 89 -17.97 3.84 -21.61
N TRP A 90 -18.24 5.07 -22.02
CA TRP A 90 -19.61 5.57 -22.11
C TRP A 90 -19.84 6.51 -23.29
N HIS A 91 -21.04 6.43 -23.88
CA HIS A 91 -21.48 7.35 -24.94
C HIS A 91 -22.89 7.83 -24.64
N THR A 92 -23.15 9.11 -24.79
CA THR A 92 -22.76 9.86 -25.98
C THR A 92 -22.34 11.28 -25.59
N SER A 97 -21.76 9.79 -32.14
CA SER A 97 -21.03 8.75 -31.44
C SER A 97 -19.83 9.33 -30.66
N GLN A 98 -18.62 8.89 -31.00
CA GLN A 98 -17.39 9.33 -30.33
C GLN A 98 -17.30 8.86 -28.87
N PRO A 99 -16.84 7.62 -28.65
CA PRO A 99 -16.87 6.99 -27.33
C PRO A 99 -16.06 7.76 -26.30
N LYS A 100 -16.57 7.81 -25.07
CA LYS A 100 -15.87 8.47 -23.99
C LYS A 100 -15.45 7.51 -22.88
N GLN A 101 -14.36 7.83 -22.20
CA GLN A 101 -13.75 6.92 -21.24
C GLN A 101 -13.64 7.66 -19.94
N ILE A 102 -14.10 7.05 -18.84
CA ILE A 102 -13.94 7.69 -17.53
C ILE A 102 -13.25 6.75 -16.56
N THR A 103 -12.40 7.34 -15.72
CA THR A 103 -11.56 6.60 -14.79
C THR A 103 -12.01 6.91 -13.38
N GLU A 104 -12.22 5.86 -12.59
CA GLU A 104 -12.89 6.05 -11.31
C GLU A 104 -12.15 5.21 -10.27
N ILE A 105 -12.14 5.68 -9.04
CA ILE A 105 -11.63 4.88 -7.94
C ILE A 105 -12.86 4.25 -7.23
N ILE A 106 -13.00 2.95 -7.36
CA ILE A 106 -14.18 2.26 -6.83
C ILE A 106 -13.87 1.65 -5.49
N LEU A 107 -14.76 1.91 -4.53
CA LEU A 107 -14.80 1.20 -3.28
C LEU A 107 -16.02 0.26 -3.23
N SER A 108 -15.76 -1.03 -3.33
CA SER A 108 -16.78 -2.07 -3.10
C SER A 108 -16.77 -2.59 -1.65
N TYR A 109 -17.77 -3.42 -1.32
CA TYR A 109 -17.82 -4.09 -0.02
C TYR A 109 -16.59 -4.94 0.29
N ASN A 110 -15.96 -4.66 1.43
CA ASN A 110 -14.83 -5.45 1.95
C ASN A 110 -13.54 -5.35 1.14
N LYS A 111 -13.51 -4.49 0.13
CA LYS A 111 -12.26 -4.19 -0.55
C LYS A 111 -11.73 -2.77 -0.31
N GLY A 112 -12.59 -1.84 0.08
CA GLY A 112 -12.22 -0.43 0.13
C GLY A 112 -12.19 0.08 1.55
N ASP A 113 -11.83 1.34 1.76
CA ASP A 113 -11.70 1.83 3.13
C ASP A 113 -11.70 3.34 3.01
N LEU A 114 -12.25 4.00 4.02
CA LEU A 114 -12.34 5.42 4.05
C LEU A 114 -12.07 5.76 5.49
N ILE A 115 -11.15 6.69 5.73
CA ILE A 115 -10.91 7.17 7.09
C ILE A 115 -11.01 8.69 7.09
N PHE A 116 -11.72 9.24 8.07
CA PHE A 116 -11.82 10.70 8.17
C PHE A 116 -10.57 11.28 8.84
N LEU A 117 -9.94 12.27 8.22
CA LEU A 117 -8.74 12.89 8.81
C LEU A 117 -9.09 14.32 9.20
N ASP A 118 -8.12 15.22 9.15
CA ASP A 118 -8.33 16.62 9.56
C ASP A 118 -9.75 17.18 9.36
N MET B 1 2.59 26.10 -2.69
CA MET B 1 2.36 25.19 -1.54
C MET B 1 0.88 24.84 -1.48
N ASN B 2 0.56 23.60 -1.87
CA ASN B 2 -0.63 22.89 -1.40
C ASN B 2 -0.26 21.98 -0.24
N GLU B 3 -1.27 21.49 0.46
CA GLU B 3 -1.12 20.54 1.55
C GLU B 3 -0.50 19.21 1.09
N LYS B 4 0.27 18.54 1.94
CA LYS B 4 0.81 17.23 1.58
C LYS B 4 -0.30 16.17 1.37
N SER B 5 -0.09 15.26 0.42
CA SER B 5 -1.09 14.27 0.08
C SER B 5 -0.41 12.95 -0.17
N LEU B 6 -1.20 11.87 -0.20
CA LEU B 6 -0.71 10.56 -0.59
C LEU B 6 -1.36 10.19 -1.91
N ASN B 7 -0.62 9.51 -2.78
CA ASN B 7 -1.18 9.06 -4.06
C ASN B 7 -0.34 7.87 -4.49
N LYS B 8 -0.84 6.68 -4.20
CA LYS B 8 -0.05 5.48 -4.40
C LYS B 8 -0.94 4.41 -5.03
N ILE B 9 -0.47 3.86 -6.15
CA ILE B 9 -1.15 2.79 -6.80
C ILE B 9 -0.22 1.60 -6.96
N MET B 10 -0.73 0.43 -6.58
CA MET B 10 0.02 -0.81 -6.70
C MET B 10 -0.76 -1.78 -7.59
N LEU B 11 -0.05 -2.38 -8.54
CA LEU B 11 -0.66 -3.26 -9.50
C LEU B 11 0.16 -4.54 -9.59
N ILE B 12 -0.53 -5.66 -9.79
CA ILE B 12 0.11 -6.86 -10.29
C ILE B 12 -0.70 -7.39 -11.47
N GLY B 13 -0.08 -7.45 -12.65
CA GLY B 13 -0.75 -8.06 -13.80
C GLY B 13 0.22 -8.36 -14.93
N ARG B 14 -0.33 -8.50 -16.13
CA ARG B 14 0.49 -8.84 -17.30
C ARG B 14 0.67 -7.72 -18.30
N VAL B 15 1.88 -7.63 -18.85
CA VAL B 15 2.21 -6.66 -19.88
C VAL B 15 1.51 -7.04 -21.20
N GLY B 16 0.78 -6.09 -21.77
CA GLY B 16 -0.01 -6.32 -22.97
C GLY B 16 0.65 -6.04 -24.31
N CYS B 17 1.82 -5.40 -24.30
CA CYS B 17 2.45 -4.85 -25.51
C CYS B 17 3.94 -4.88 -25.26
N GLU B 18 4.73 -4.66 -26.29
CA GLU B 18 6.17 -4.57 -26.10
C GLU B 18 6.45 -3.13 -25.67
N PRO B 19 7.19 -2.95 -24.56
CA PRO B 19 7.39 -1.61 -24.04
C PRO B 19 8.02 -0.71 -25.09
N ASP B 20 7.57 0.54 -25.16
CA ASP B 20 8.23 1.54 -25.98
C ASP B 20 9.22 2.37 -25.15
N ILE B 21 10.44 2.52 -25.66
CA ILE B 21 11.47 3.31 -25.02
C ILE B 21 11.80 4.54 -25.85
N LYS B 22 11.55 5.73 -25.29
CA LYS B 22 11.90 6.96 -25.98
C LYS B 22 13.04 7.66 -25.28
N ILE B 23 13.79 8.46 -26.04
CA ILE B 23 14.91 9.22 -25.52
C ILE B 23 14.53 10.68 -25.54
N LEU B 24 14.66 11.35 -24.39
CA LEU B 24 14.29 12.75 -24.30
C LEU B 24 15.44 13.54 -24.89
N ASN B 25 15.16 14.72 -25.42
CA ASN B 25 16.24 15.68 -25.64
C ASN B 25 17.04 15.82 -24.35
N GLY B 26 18.31 15.44 -24.39
CA GLY B 26 19.14 15.48 -23.19
C GLY B 26 19.73 14.13 -22.83
N GLY B 27 19.22 13.06 -23.43
CA GLY B 27 19.64 11.72 -23.04
C GLY B 27 18.62 10.93 -22.23
N ASP B 28 18.04 11.56 -21.20
CA ASP B 28 17.08 10.86 -20.35
C ASP B 28 16.07 10.05 -21.16
N LYS B 29 15.82 8.82 -20.68
CA LYS B 29 14.93 7.90 -21.39
C LYS B 29 13.59 7.81 -20.66
N VAL B 30 12.54 7.45 -21.39
CA VAL B 30 11.25 7.14 -20.80
C VAL B 30 10.73 5.88 -21.40
N ALA B 31 10.06 5.08 -20.59
CA ALA B 31 9.47 3.83 -21.05
C ALA B 31 7.98 3.85 -20.81
N THR B 32 7.28 3.10 -21.65
CA THR B 32 5.86 3.17 -21.75
C THR B 32 5.38 1.73 -22.00
N PHE B 33 4.40 1.28 -21.21
CA PHE B 33 3.74 0.02 -21.51
C PHE B 33 2.33 -0.07 -20.96
N SER B 34 1.67 -1.18 -21.24
CA SER B 34 0.25 -1.31 -20.89
C SER B 34 0.14 -2.54 -20.00
N LEU B 35 -0.60 -2.44 -18.89
CA LEU B 35 -0.69 -3.57 -17.97
C LEU B 35 -2.15 -3.97 -17.71
N ALA B 36 -2.45 -5.26 -17.83
CA ALA B 36 -3.80 -5.76 -17.62
C ALA B 36 -3.94 -6.24 -16.18
N THR B 37 -5.02 -5.84 -15.52
CA THR B 37 -5.48 -6.54 -14.32
C THR B 37 -6.95 -6.93 -14.54
N ASN B 38 -7.46 -7.84 -13.71
CA ASN B 38 -8.88 -8.25 -13.76
C ASN B 38 -9.60 -8.27 -12.41
N GLU B 39 -10.91 -8.12 -12.46
CA GLU B 39 -11.79 -8.43 -11.33
C GLU B 39 -12.85 -9.45 -11.75
N PHE B 40 -13.43 -10.13 -10.77
CA PHE B 40 -14.64 -10.94 -11.00
C PHE B 40 -15.63 -10.75 -9.85
N TRP B 41 -16.93 -10.73 -10.18
CA TRP B 41 -17.96 -10.53 -9.17
C TRP B 41 -19.36 -10.98 -9.61
N ARG B 42 -20.18 -11.37 -8.64
CA ARG B 42 -21.58 -11.74 -8.90
C ARG B 42 -22.53 -10.55 -8.73
N ASP B 43 -23.47 -10.41 -9.67
CA ASP B 43 -24.35 -9.25 -9.74
C ASP B 43 -25.33 -9.13 -8.57
N ARG B 44 -25.63 -7.89 -8.17
CA ARG B 44 -26.66 -7.62 -7.16
C ARG B 44 -28.04 -7.50 -7.79
N THR B 46 -29.08 -12.15 -8.48
CA THR B 46 -28.81 -12.62 -9.83
C THR B 46 -27.67 -13.63 -9.87
N ASN B 47 -26.62 -13.36 -9.07
CA ASN B 47 -25.50 -14.28 -8.89
C ASN B 47 -24.79 -14.62 -10.20
N GLU B 48 -25.39 -14.21 -11.31
CA GLU B 48 -24.73 -14.19 -12.59
C GLU B 48 -23.37 -13.50 -12.47
N LEU B 49 -22.41 -13.96 -13.28
CA LEU B 49 -21.02 -14.01 -12.88
C LEU B 49 -20.14 -13.20 -13.83
N LYS B 50 -19.88 -11.95 -13.46
CA LYS B 50 -19.32 -10.94 -14.36
C LYS B 50 -17.81 -10.76 -14.17
N SER B 51 -17.13 -10.37 -15.24
CA SER B 51 -15.67 -10.23 -15.23
C SER B 51 -15.22 -8.97 -15.98
N LYS B 52 -14.12 -8.36 -15.52
CA LYS B 52 -13.66 -7.10 -16.10
C LYS B 52 -12.13 -6.98 -16.13
N THR B 53 -11.62 -6.72 -17.32
CA THR B 53 -10.21 -6.50 -17.53
C THR B 53 -9.93 -5.02 -17.68
N ASP B 54 -8.91 -4.54 -16.98
CA ASP B 54 -8.57 -3.12 -17.04
C ASP B 54 -7.15 -2.98 -17.56
N TRP B 55 -6.98 -2.03 -18.47
CA TRP B 55 -5.68 -1.81 -19.09
C TRP B 55 -5.09 -0.50 -18.61
N HIS B 56 -3.94 -0.58 -17.95
CA HIS B 56 -3.37 0.58 -17.27
C HIS B 56 -2.15 1.00 -18.08
N ARG B 57 -2.08 2.29 -18.39
CA ARG B 57 -0.91 2.85 -19.04
C ARG B 57 0.17 3.20 -18.02
N ILE B 58 1.32 2.56 -18.13
CA ILE B 58 2.45 2.73 -17.22
C ILE B 58 3.48 3.61 -17.93
N VAL B 59 3.83 4.74 -17.33
CA VAL B 59 4.89 5.64 -17.82
C VAL B 59 6.00 5.73 -16.79
N VAL B 60 7.22 5.39 -17.21
CA VAL B 60 8.32 5.23 -16.30
C VAL B 60 9.41 6.25 -16.66
N TYR B 61 9.74 7.13 -15.69
CA TYR B 61 10.77 8.16 -15.86
C TYR B 61 12.04 7.80 -15.10
N ASP B 62 11.93 6.91 -14.12
CA ASP B 62 13.07 6.45 -13.34
C ASP B 62 14.07 5.76 -14.28
N GLN B 63 15.27 6.33 -14.39
CA GLN B 63 16.26 5.85 -15.37
C GLN B 63 16.74 4.42 -15.15
N ASN B 64 16.98 4.04 -13.91
CA ASN B 64 17.31 2.64 -13.59
C ASN B 64 16.21 1.64 -13.95
N ILE B 65 14.96 2.01 -13.73
CA ILE B 65 13.87 1.09 -14.05
C ILE B 65 13.63 1.05 -15.54
N VAL B 66 13.82 2.19 -16.21
CA VAL B 66 13.76 2.19 -17.68
C VAL B 66 14.76 1.17 -18.26
N ASP B 67 15.99 1.23 -17.77
CA ASP B 67 17.03 0.31 -18.21
C ASP B 67 16.60 -1.14 -18.03
N LEU B 68 16.02 -1.44 -16.87
CA LEU B 68 15.59 -2.81 -16.58
C LEU B 68 14.48 -3.24 -17.51
N ILE B 69 13.57 -2.32 -17.79
CA ILE B 69 12.52 -2.57 -18.77
C ILE B 69 13.09 -2.78 -20.18
N ASP B 70 14.02 -1.92 -20.58
CA ASP B 70 14.74 -2.07 -21.82
C ASP B 70 15.38 -3.47 -21.90
N LYS B 71 16.13 -3.85 -20.88
CA LYS B 71 16.87 -5.11 -20.96
C LYS B 71 15.97 -6.35 -20.95
N TYR B 72 14.87 -6.31 -20.19
CA TYR B 72 14.20 -7.53 -19.71
C TYR B 72 12.70 -7.61 -19.95
N LEU B 73 12.00 -6.49 -20.04
CA LEU B 73 10.53 -6.51 -20.03
C LEU B 73 9.91 -6.81 -21.40
N ARG B 74 9.08 -7.85 -21.45
CA ARG B 74 8.51 -8.33 -22.71
C ARG B 74 7.01 -8.54 -22.58
N LYS B 75 6.31 -8.45 -23.71
CA LYS B 75 4.86 -8.61 -23.74
C LYS B 75 4.48 -9.98 -23.17
N GLY B 76 3.49 -10.00 -22.28
CA GLY B 76 3.10 -11.24 -21.60
C GLY B 76 3.78 -11.53 -20.26
N ARG B 77 4.78 -10.74 -19.90
CA ARG B 77 5.40 -10.88 -18.60
C ARG B 77 4.47 -10.42 -17.47
N ARG B 78 4.55 -11.09 -16.32
CA ARG B 78 3.81 -10.66 -15.14
C ARG B 78 4.73 -9.83 -14.28
N VAL B 79 4.24 -8.67 -13.85
CA VAL B 79 5.03 -7.75 -13.04
C VAL B 79 4.20 -7.11 -11.95
N TYR B 80 4.89 -6.71 -10.88
CA TYR B 80 4.36 -5.78 -9.90
C TYR B 80 4.84 -4.40 -10.30
N VAL B 81 3.95 -3.42 -10.19
CA VAL B 81 4.24 -2.05 -10.55
C VAL B 81 3.69 -1.18 -9.44
N GLN B 82 4.49 -0.26 -8.94
CA GLN B 82 3.99 0.75 -8.03
C GLN B 82 4.38 2.17 -8.41
N GLY B 83 3.37 3.05 -8.50
CA GLY B 83 3.63 4.47 -8.72
C GLY B 83 2.51 5.36 -8.20
N SER B 84 2.26 6.44 -8.94
CA SER B 84 1.26 7.44 -8.57
C SER B 84 0.35 7.59 -9.77
N LEU B 85 -0.89 8.01 -9.52
CA LEU B 85 -1.93 7.99 -10.54
C LEU B 85 -2.21 9.42 -10.96
N HIS B 86 -1.99 9.73 -12.22
CA HIS B 86 -2.08 11.13 -12.69
C HIS B 86 -2.85 11.18 -14.00
N THR B 87 -3.71 12.20 -14.13
CA THR B 87 -4.46 12.41 -15.36
C THR B 87 -4.03 13.70 -16.06
N ARG B 88 -3.95 13.68 -17.38
CA ARG B 88 -3.55 14.88 -18.14
C ARG B 88 -4.60 15.10 -19.21
N LYS B 89 -4.83 16.35 -19.54
CA LYS B 89 -5.62 16.73 -20.71
C LYS B 89 -4.72 17.00 -21.90
N TRP B 90 -5.23 16.78 -23.09
CA TRP B 90 -4.58 17.31 -24.28
C TRP B 90 -5.59 17.73 -25.32
N HIS B 91 -5.23 18.73 -26.12
CA HIS B 91 -6.13 19.27 -27.14
C HIS B 91 -5.64 18.83 -28.51
N THR B 92 -6.56 18.68 -29.45
CA THR B 92 -6.23 18.69 -30.87
C THR B 92 -7.12 19.71 -31.58
N ASN B 93 -6.49 20.65 -32.29
CA ASN B 93 -7.20 21.81 -32.85
C ASN B 93 -8.64 21.50 -33.26
N ASP B 94 -9.60 22.13 -32.58
CA ASP B 94 -10.99 21.64 -32.53
C ASP B 94 -11.41 20.98 -33.84
N GLN B 98 -13.33 20.12 -27.21
CA GLN B 98 -13.04 19.77 -25.82
C GLN B 98 -11.77 18.92 -25.75
N PRO B 99 -11.04 19.02 -24.62
CA PRO B 99 -9.79 18.26 -24.43
C PRO B 99 -10.08 16.80 -24.10
N LYS B 100 -9.23 15.89 -24.56
CA LYS B 100 -9.28 14.53 -24.06
C LYS B 100 -8.40 14.34 -22.82
N GLN B 101 -8.80 13.43 -21.95
CA GLN B 101 -8.01 13.04 -20.78
C GLN B 101 -7.40 11.64 -20.99
N ILE B 102 -6.16 11.43 -20.56
CA ILE B 102 -5.73 10.10 -20.15
C ILE B 102 -5.26 10.05 -18.72
N THR B 103 -5.29 8.83 -18.21
CA THR B 103 -4.85 8.59 -16.87
C THR B 103 -3.66 7.67 -17.00
N GLU B 104 -2.62 7.99 -16.24
CA GLU B 104 -1.39 7.22 -16.35
C GLU B 104 -0.91 6.88 -14.95
N ILE B 105 -0.27 5.73 -14.81
CA ILE B 105 0.47 5.38 -13.61
C ILE B 105 1.92 5.79 -13.82
N ILE B 106 2.40 6.73 -13.00
CA ILE B 106 3.71 7.31 -13.22
C ILE B 106 4.70 6.72 -12.23
N LEU B 107 5.84 6.31 -12.75
CA LEU B 107 6.97 5.92 -11.92
C LEU B 107 8.08 6.93 -12.14
N SER B 108 8.19 7.85 -11.20
CA SER B 108 9.21 8.89 -11.21
C SER B 108 10.51 8.39 -10.63
N TYR B 109 11.56 9.20 -10.76
CA TYR B 109 12.80 8.98 -9.97
C TYR B 109 12.53 8.75 -8.48
N ASN B 110 12.95 7.59 -7.98
CA ASN B 110 13.01 7.27 -6.55
C ASN B 110 11.67 7.09 -5.86
N LYS B 111 10.58 7.09 -6.64
CA LYS B 111 9.24 6.99 -6.05
C LYS B 111 8.46 5.73 -6.46
N GLY B 112 8.89 5.10 -7.55
CA GLY B 112 8.17 3.96 -8.14
C GLY B 112 8.87 2.65 -7.83
N ASP B 113 8.27 1.55 -8.25
CA ASP B 113 8.94 0.25 -8.14
C ASP B 113 8.39 -0.70 -9.20
N LEU B 114 9.25 -1.59 -9.65
CA LEU B 114 8.86 -2.61 -10.60
C LEU B 114 9.54 -3.89 -10.18
N ILE B 115 8.76 -4.96 -10.07
CA ILE B 115 9.30 -6.27 -9.77
C ILE B 115 8.80 -7.31 -10.77
N PHE B 116 9.74 -8.02 -11.38
CA PHE B 116 9.48 -9.02 -12.41
C PHE B 116 8.97 -10.28 -11.72
N LEU B 117 7.83 -10.79 -12.16
CA LEU B 117 7.20 -11.89 -11.41
C LEU B 117 7.05 -13.23 -12.12
N ASP B 118 7.48 -13.39 -13.36
CA ASP B 118 6.88 -14.52 -14.10
C ASP B 118 7.09 -14.37 -15.60
N MET C 1 -14.92 3.42 21.18
CA MET C 1 -13.88 3.29 22.24
C MET C 1 -12.43 3.41 21.76
N ASN C 2 -12.23 3.53 20.45
CA ASN C 2 -10.95 3.98 19.89
C ASN C 2 -11.07 4.57 18.48
N GLU C 3 -10.36 5.66 18.23
CA GLU C 3 -10.36 6.33 16.92
C GLU C 3 -10.01 5.36 15.77
N LYS C 4 -10.54 5.60 14.58
CA LYS C 4 -10.12 4.74 13.47
C LYS C 4 -8.64 4.85 13.04
N SER C 5 -8.02 3.71 12.78
CA SER C 5 -6.62 3.72 12.38
C SER C 5 -6.41 2.89 11.12
N LEU C 6 -5.19 2.90 10.55
CA LEU C 6 -4.86 2.05 9.40
C LEU C 6 -3.66 1.22 9.79
N ASN C 7 -3.70 -0.05 9.43
CA ASN C 7 -2.58 -0.95 9.69
C ASN C 7 -2.51 -1.96 8.54
N LYS C 8 -1.64 -1.69 7.57
CA LYS C 8 -1.62 -2.49 6.36
C LYS C 8 -0.19 -2.81 6.03
N ILE C 9 0.12 -4.09 5.92
CA ILE C 9 1.46 -4.48 5.52
C ILE C 9 1.40 -5.37 4.29
N MET C 10 2.26 -5.06 3.32
CA MET C 10 2.28 -5.79 2.07
C MET C 10 3.67 -6.37 1.80
N LEU C 11 3.72 -7.65 1.42
CA LEU C 11 5.00 -8.37 1.28
C LEU C 11 5.03 -9.18 0.01
N ILE C 12 6.17 -9.19 -0.67
CA ILE C 12 6.42 -10.20 -1.71
C ILE C 12 7.74 -10.88 -1.36
N GLY C 13 7.72 -12.20 -1.21
CA GLY C 13 8.88 -12.94 -0.78
C GLY C 13 8.65 -14.43 -0.90
N ARG C 14 9.47 -15.22 -0.20
CA ARG C 14 9.52 -16.67 -0.39
C ARG C 14 9.12 -17.42 0.87
N VAL C 15 8.29 -18.44 0.69
CA VAL C 15 7.82 -19.24 1.82
C VAL C 15 9.00 -20.08 2.31
N GLY C 16 9.20 -20.13 3.62
CA GLY C 16 10.38 -20.75 4.18
C GLY C 16 10.15 -22.19 4.62
N CYS C 17 8.89 -22.58 4.77
CA CYS C 17 8.55 -23.87 5.36
C CYS C 17 7.26 -24.35 4.73
N GLU C 18 7.00 -25.65 4.84
CA GLU C 18 5.67 -26.17 4.52
C GLU C 18 4.68 -25.56 5.49
N PRO C 19 3.62 -24.93 4.98
CA PRO C 19 2.63 -24.31 5.85
C PRO C 19 2.05 -25.29 6.84
N ASP C 20 1.65 -24.79 7.99
CA ASP C 20 1.05 -25.59 9.03
C ASP C 20 -0.42 -25.21 9.12
N ILE C 21 -1.29 -26.20 8.93
CA ILE C 21 -2.76 -26.00 8.98
C ILE C 21 -3.27 -26.67 10.25
N LYS C 22 -3.96 -25.91 11.08
CA LYS C 22 -4.57 -26.47 12.27
C LYS C 22 -6.09 -26.32 12.16
N ILE C 23 -6.82 -27.31 12.67
CA ILE C 23 -8.28 -27.23 12.75
C ILE C 23 -8.71 -26.98 14.18
N LEU C 24 -9.43 -25.88 14.38
CA LEU C 24 -9.84 -25.45 15.70
C LEU C 24 -11.21 -26.06 16.06
N ASN C 25 -11.55 -25.99 17.35
CA ASN C 25 -12.87 -26.36 17.83
C ASN C 25 -13.96 -25.81 16.94
N GLY C 26 -14.79 -26.70 16.41
CA GLY C 26 -15.90 -26.27 15.59
C GLY C 26 -15.54 -26.23 14.12
N GLY C 27 -14.27 -26.42 13.81
CA GLY C 27 -13.86 -26.68 12.44
C GLY C 27 -13.25 -25.54 11.61
N ASP C 28 -13.23 -24.32 12.12
CA ASP C 28 -12.48 -23.25 11.44
C ASP C 28 -11.00 -23.61 11.37
N LYS C 29 -10.38 -23.36 10.22
CA LYS C 29 -8.97 -23.65 10.07
C LYS C 29 -8.10 -22.38 10.22
N VAL C 30 -6.83 -22.58 10.57
CA VAL C 30 -5.85 -21.50 10.60
C VAL C 30 -4.54 -22.04 10.02
N ALA C 31 -3.92 -21.24 9.16
CA ALA C 31 -2.66 -21.64 8.55
C ALA C 31 -1.56 -20.69 9.03
N THR C 32 -0.35 -21.22 9.10
CA THR C 32 0.82 -20.49 9.56
C THR C 32 1.98 -20.82 8.63
N PHE C 33 2.77 -19.81 8.25
CA PHE C 33 4.03 -20.03 7.53
C PHE C 33 4.96 -18.83 7.70
N SER C 34 6.23 -19.01 7.34
CA SER C 34 7.23 -17.95 7.46
C SER C 34 7.55 -17.47 6.05
N LEU C 35 7.68 -16.15 5.89
CA LEU C 35 7.95 -15.58 4.58
C LEU C 35 9.22 -14.72 4.65
N ALA C 36 10.15 -14.97 3.74
CA ALA C 36 11.41 -14.23 3.70
C ALA C 36 11.33 -13.10 2.71
N THR C 37 11.73 -11.92 3.17
CA THR C 37 12.00 -10.79 2.29
C THR C 37 13.44 -10.26 2.48
N ASN C 38 13.91 -9.48 1.53
CA ASN C 38 15.25 -8.91 1.71
C ASN C 38 15.41 -7.48 1.21
N GLU C 39 16.42 -6.81 1.78
CA GLU C 39 16.80 -5.48 1.34
C GLU C 39 18.27 -5.48 0.95
N PHE C 40 18.63 -4.54 0.10
CA PHE C 40 20.00 -4.37 -0.36
C PHE C 40 20.20 -2.87 -0.44
N TRP C 41 21.34 -2.39 0.04
CA TRP C 41 21.58 -0.94 0.10
C TRP C 41 23.06 -0.63 0.31
N ARG C 42 23.44 0.61 0.04
CA ARG C 42 24.83 1.01 0.23
C ARG C 42 25.02 1.77 1.54
N ASP C 43 25.94 1.30 2.38
CA ASP C 43 26.15 1.92 3.68
C ASP C 43 26.53 3.39 3.51
N ARG C 44 26.27 4.16 4.57
CA ARG C 44 26.12 5.61 4.41
C ARG C 44 27.49 6.28 4.44
N ASN C 45 28.38 5.72 5.25
CA ASN C 45 29.71 6.27 5.42
C ASN C 45 30.73 5.65 4.47
N THR C 46 30.36 4.54 3.85
CA THR C 46 31.31 3.49 3.46
C THR C 46 31.03 3.19 1.98
N ASN C 47 29.78 3.35 1.60
CA ASN C 47 29.32 2.95 0.26
C ASN C 47 29.34 1.44 0.05
N GLU C 48 29.68 0.68 1.08
CA GLU C 48 29.67 -0.79 1.02
C GLU C 48 28.25 -1.34 0.83
N LEU C 49 28.08 -2.22 -0.15
CA LEU C 49 26.82 -2.90 -0.42
C LEU C 49 26.45 -3.87 0.71
N LYS C 50 25.27 -3.69 1.29
CA LYS C 50 24.87 -4.49 2.43
C LYS C 50 23.50 -5.09 2.12
N SER C 51 23.19 -6.20 2.78
CA SER C 51 21.91 -6.89 2.63
C SER C 51 21.45 -7.42 3.97
N LYS C 52 20.14 -7.60 4.08
CA LYS C 52 19.55 -8.14 5.32
C LYS C 52 18.27 -8.88 4.91
N THR C 53 18.08 -10.07 5.47
CA THR C 53 16.89 -10.89 5.21
C THR C 53 16.02 -10.89 6.46
N ASP C 54 14.73 -10.60 6.28
CA ASP C 54 13.74 -10.70 7.34
C ASP C 54 12.75 -11.84 7.11
N TRP C 55 12.47 -12.58 8.18
CA TRP C 55 11.51 -13.67 8.21
C TRP C 55 10.23 -13.26 8.95
N HIS C 56 9.13 -13.24 8.23
CA HIS C 56 7.90 -12.69 8.77
C HIS C 56 7.02 -13.91 9.08
N ARG C 57 6.48 -13.96 10.29
CA ARG C 57 5.46 -14.96 10.61
C ARG C 57 4.07 -14.56 10.11
N ILE C 58 3.50 -15.37 9.22
CA ILE C 58 2.18 -15.09 8.64
C ILE C 58 1.14 -16.08 9.27
N VAL C 59 0.03 -15.53 9.77
CA VAL C 59 -1.04 -16.29 10.45
C VAL C 59 -2.37 -15.94 9.73
N VAL C 60 -2.95 -16.94 9.08
CA VAL C 60 -4.08 -16.73 8.18
C VAL C 60 -5.37 -17.33 8.77
N TYR C 61 -6.37 -16.49 9.01
CA TYR C 61 -7.62 -16.91 9.61
C TYR C 61 -8.76 -16.87 8.61
N ASP C 62 -8.53 -16.25 7.46
CA ASP C 62 -9.58 -16.21 6.44
C ASP C 62 -9.67 -17.62 5.85
N GLN C 63 -10.88 -18.20 5.80
CA GLN C 63 -11.04 -19.63 5.42
C GLN C 63 -10.84 -19.90 3.94
N ASN C 64 -11.27 -18.98 3.09
CA ASN C 64 -10.98 -19.13 1.67
C ASN C 64 -9.46 -19.11 1.43
N ILE C 65 -8.74 -18.23 2.11
CA ILE C 65 -7.29 -18.23 1.91
C ILE C 65 -6.60 -19.46 2.51
N VAL C 66 -7.02 -19.88 3.70
CA VAL C 66 -6.51 -21.13 4.29
C VAL C 66 -6.69 -22.34 3.38
N ASP C 67 -7.84 -22.41 2.72
CA ASP C 67 -8.08 -23.42 1.70
C ASP C 67 -7.06 -23.39 0.58
N LEU C 68 -6.82 -22.20 0.02
CA LEU C 68 -5.91 -22.10 -1.11
C LEU C 68 -4.52 -22.53 -0.70
N ILE C 69 -4.17 -22.20 0.54
CA ILE C 69 -2.86 -22.52 1.10
C ILE C 69 -2.68 -24.02 1.30
N ASP C 70 -3.69 -24.64 1.91
CA ASP C 70 -3.73 -26.08 2.09
C ASP C 70 -3.51 -26.79 0.76
N LYS C 71 -4.21 -26.35 -0.28
CA LYS C 71 -4.18 -27.04 -1.56
C LYS C 71 -2.84 -26.81 -2.26
N TYR C 72 -2.39 -25.56 -2.24
CA TYR C 72 -1.41 -25.10 -3.20
C TYR C 72 -0.07 -24.58 -2.66
N LEU C 73 -0.03 -24.08 -1.43
CA LEU C 73 1.18 -23.38 -0.98
C LEU C 73 2.21 -24.37 -0.48
N ARG C 74 3.39 -24.35 -1.10
CA ARG C 74 4.51 -25.21 -0.71
C ARG C 74 5.72 -24.37 -0.32
N LYS C 75 6.61 -24.95 0.48
CA LYS C 75 7.96 -24.42 0.72
C LYS C 75 8.61 -23.90 -0.57
N GLY C 76 9.14 -22.69 -0.53
CA GLY C 76 9.90 -22.22 -1.67
C GLY C 76 9.13 -21.43 -2.70
N ARG C 77 7.81 -21.40 -2.58
CA ARG C 77 6.99 -20.62 -3.52
C ARG C 77 7.14 -19.10 -3.23
N ARG C 78 7.07 -18.30 -4.27
CA ARG C 78 6.97 -16.85 -4.12
C ARG C 78 5.50 -16.42 -4.01
N VAL C 79 5.19 -15.56 -3.04
CA VAL C 79 3.85 -15.06 -2.89
C VAL C 79 3.79 -13.55 -2.57
N TYR C 80 2.67 -12.93 -2.93
CA TYR C 80 2.24 -11.68 -2.34
C TYR C 80 1.28 -11.93 -1.19
N VAL C 81 1.52 -11.20 -0.10
CA VAL C 81 0.72 -11.33 1.08
C VAL C 81 0.41 -9.93 1.59
N GLN C 82 -0.85 -9.71 1.90
CA GLN C 82 -1.28 -8.50 2.55
C GLN C 82 -2.12 -8.74 3.81
N GLY C 83 -1.69 -8.15 4.93
CA GLY C 83 -2.42 -8.27 6.17
C GLY C 83 -2.26 -7.04 7.05
N SER C 84 -2.38 -7.25 8.36
CA SER C 84 -2.20 -6.20 9.35
C SER C 84 -1.14 -6.74 10.29
N LEU C 85 -0.50 -5.85 11.03
CA LEU C 85 0.67 -6.23 11.84
C LEU C 85 0.34 -6.13 13.32
N HIS C 86 0.54 -7.21 14.05
CA HIS C 86 0.00 -7.29 15.42
C HIS C 86 0.96 -8.01 16.32
N THR C 87 1.21 -7.44 17.50
CA THR C 87 2.10 -8.06 18.46
C THR C 87 1.27 -8.52 19.66
N ARG C 88 1.65 -9.64 20.26
CA ARG C 88 0.94 -10.12 21.44
C ARG C 88 1.92 -10.74 22.41
N LYS C 89 1.51 -10.85 23.66
CA LYS C 89 2.37 -11.39 24.70
C LYS C 89 2.00 -12.83 24.99
N TRP C 90 3.00 -13.65 25.27
CA TRP C 90 2.73 -15.00 25.74
C TRP C 90 3.76 -15.45 26.79
N HIS C 91 3.35 -16.44 27.58
CA HIS C 91 4.25 -17.05 28.55
C HIS C 91 3.94 -18.53 28.63
N THR C 92 4.94 -19.39 28.85
CA THR C 92 6.37 -19.02 28.93
C THR C 92 7.22 -20.08 29.62
N ASN C 93 6.62 -21.19 30.06
CA ASN C 93 5.18 -21.38 30.01
C ASN C 93 4.56 -21.24 31.40
N ASN C 96 8.46 -20.93 33.56
CA ASN C 96 7.26 -20.55 34.30
C ASN C 96 7.05 -19.04 34.30
N SER C 97 7.95 -18.29 33.66
CA SER C 97 8.17 -16.88 34.03
C SER C 97 8.64 -16.00 32.86
N GLN C 98 8.28 -14.72 32.90
CA GLN C 98 8.76 -13.67 31.98
C GLN C 98 8.09 -13.66 30.59
N PRO C 99 7.11 -12.76 30.40
CA PRO C 99 6.28 -12.80 29.19
C PRO C 99 7.09 -12.41 27.95
N LYS C 100 6.74 -12.97 26.80
CA LYS C 100 7.53 -12.73 25.61
C LYS C 100 6.66 -12.22 24.45
N GLN C 101 7.16 -11.24 23.71
CA GLN C 101 6.40 -10.65 22.63
C GLN C 101 6.59 -11.49 21.38
N ILE C 102 5.52 -11.65 20.60
CA ILE C 102 5.68 -12.14 19.25
C ILE C 102 4.91 -11.26 18.28
N THR C 103 5.46 -11.06 17.09
CA THR C 103 4.91 -10.14 16.12
C THR C 103 4.50 -10.90 14.86
N GLU C 104 3.27 -10.67 14.40
CA GLU C 104 2.68 -11.56 13.41
C GLU C 104 1.97 -10.73 12.36
N ILE C 105 1.94 -11.21 11.12
CA ILE C 105 1.17 -10.58 10.04
C ILE C 105 -0.15 -11.39 9.90
N ILE C 106 -1.26 -10.77 10.29
CA ILE C 106 -2.53 -11.47 10.40
C ILE C 106 -3.33 -11.21 9.14
N LEU C 107 -3.77 -12.28 8.50
CA LEU C 107 -4.76 -12.18 7.45
C LEU C 107 -6.15 -12.61 7.96
N SER C 108 -6.94 -11.62 8.35
CA SER C 108 -8.34 -11.80 8.76
C SER C 108 -9.24 -12.00 7.55
N TYR C 109 -10.41 -12.59 7.79
CA TYR C 109 -11.52 -12.56 6.83
C TYR C 109 -11.71 -11.22 6.14
N ASN C 110 -11.69 -11.24 4.80
CA ASN C 110 -11.99 -10.06 3.99
C ASN C 110 -11.10 -8.82 4.21
N LYS C 111 -10.07 -8.95 5.05
CA LYS C 111 -9.13 -7.84 5.23
C LYS C 111 -7.78 -8.09 4.55
N GLY C 112 -7.48 -9.36 4.26
CA GLY C 112 -6.16 -9.74 3.80
C GLY C 112 -6.23 -10.33 2.40
N ASP C 113 -5.09 -10.78 1.89
CA ASP C 113 -4.99 -11.14 0.48
C ASP C 113 -3.71 -11.93 0.32
N LEU C 114 -3.76 -12.85 -0.64
CA LEU C 114 -2.68 -13.76 -0.90
C LEU C 114 -2.70 -14.06 -2.40
N ILE C 115 -1.57 -13.81 -3.05
CA ILE C 115 -1.48 -14.10 -4.47
C ILE C 115 -0.26 -14.98 -4.75
N PHE C 116 -0.49 -16.12 -5.41
CA PHE C 116 0.59 -16.98 -5.82
C PHE C 116 1.41 -16.37 -6.94
N LEU C 117 2.72 -16.30 -6.76
CA LEU C 117 3.57 -15.75 -7.82
C LEU C 117 4.52 -16.82 -8.29
N ASP C 118 5.55 -16.42 -9.02
CA ASP C 118 6.79 -17.19 -9.07
C ASP C 118 7.90 -16.42 -9.82
N MET D 1 23.69 -11.33 -2.81
CA MET D 1 22.60 -11.16 -3.81
C MET D 1 21.43 -12.09 -3.44
N ASN D 2 20.28 -11.50 -3.13
CA ASN D 2 19.03 -12.26 -3.06
C ASN D 2 18.09 -11.77 -4.14
N GLU D 3 16.96 -12.48 -4.28
CA GLU D 3 15.89 -12.09 -5.18
C GLU D 3 15.16 -10.84 -4.67
N LYS D 4 14.67 -10.01 -5.59
CA LYS D 4 13.97 -8.79 -5.25
C LYS D 4 12.67 -9.09 -4.47
N SER D 5 12.37 -8.29 -3.45
CA SER D 5 11.18 -8.51 -2.67
C SER D 5 10.43 -7.22 -2.40
N LEU D 6 9.27 -7.29 -1.74
CA LEU D 6 8.52 -6.10 -1.40
C LEU D 6 8.23 -6.14 0.09
N ASN D 7 8.41 -5.01 0.75
CA ASN D 7 8.20 -4.98 2.19
C ASN D 7 7.73 -3.57 2.50
N LYS D 8 6.43 -3.40 2.72
CA LYS D 8 5.87 -2.09 2.80
C LYS D 8 4.79 -2.12 3.87
N ILE D 9 4.90 -1.21 4.85
CA ILE D 9 3.89 -1.09 5.90
C ILE D 9 3.39 0.32 5.95
N MET D 10 2.07 0.50 5.96
CA MET D 10 1.41 1.80 6.09
C MET D 10 0.54 1.83 7.35
N LEU D 11 0.65 2.93 8.09
CA LEU D 11 0.02 3.03 9.40
C LEU D 11 -0.58 4.42 9.51
N ILE D 12 -1.76 4.52 10.10
CA ILE D 12 -2.26 5.80 10.53
C ILE D 12 -2.70 5.65 11.97
N GLY D 13 -2.11 6.43 12.85
CA GLY D 13 -2.51 6.40 14.27
C GLY D 13 -1.88 7.50 15.10
N ARG D 14 -1.83 7.35 16.41
CA ARG D 14 -1.40 8.49 17.23
C ARG D 14 -0.04 8.26 17.86
N VAL D 15 0.73 9.33 17.96
CA VAL D 15 2.05 9.28 18.55
C VAL D 15 1.95 9.21 20.08
N GLY D 16 2.61 8.22 20.66
CA GLY D 16 2.45 7.89 22.06
C GLY D 16 3.39 8.60 23.01
N CYS D 17 4.45 9.23 22.49
CA CYS D 17 5.53 9.75 23.33
C CYS D 17 6.21 10.89 22.60
N GLU D 18 7.03 11.65 23.30
CA GLU D 18 7.81 12.69 22.62
C GLU D 18 8.93 12.04 21.85
N PRO D 19 8.99 12.30 20.55
CA PRO D 19 9.99 11.65 19.71
C PRO D 19 11.40 11.90 20.24
N ASP D 20 12.24 10.87 20.21
CA ASP D 20 13.66 11.01 20.52
C ASP D 20 14.54 11.26 19.28
N ILE D 21 15.36 12.30 19.33
CA ILE D 21 16.31 12.60 18.25
C ILE D 21 17.75 12.39 18.72
N LYS D 22 18.52 11.58 17.99
CA LYS D 22 19.93 11.39 18.30
C LYS D 22 20.81 11.74 17.11
N ILE D 23 22.08 11.96 17.41
CA ILE D 23 23.04 12.34 16.38
C ILE D 23 24.08 11.25 16.29
N LEU D 24 24.24 10.66 15.12
CA LEU D 24 25.21 9.59 14.93
C LEU D 24 26.59 10.20 14.66
N ASN D 25 27.62 9.37 14.80
CA ASN D 25 28.95 9.81 14.43
C ASN D 25 28.97 10.34 12.99
N GLY D 26 29.50 11.54 12.82
CA GLY D 26 29.54 12.16 11.51
C GLY D 26 28.30 12.97 11.12
N GLY D 27 27.46 13.28 12.11
CA GLY D 27 26.44 14.29 11.91
C GLY D 27 25.04 13.88 11.46
N ASP D 28 24.86 12.70 10.86
CA ASP D 28 23.52 12.19 10.62
C ASP D 28 22.65 12.01 11.87
N LYS D 29 21.39 12.41 11.79
CA LYS D 29 20.45 12.22 12.89
C LYS D 29 19.53 11.02 12.67
N VAL D 30 18.99 10.48 13.76
CA VAL D 30 18.02 9.40 13.70
C VAL D 30 16.90 9.75 14.68
N ALA D 31 15.65 9.49 14.29
CA ALA D 31 14.51 9.77 15.14
C ALA D 31 13.72 8.51 15.40
N THR D 32 13.00 8.53 16.51
CA THR D 32 12.45 7.33 17.10
C THR D 32 11.18 7.77 17.85
N PHE D 33 10.07 7.10 17.60
CA PHE D 33 8.85 7.32 18.39
C PHE D 33 7.94 6.11 18.31
N SER D 34 6.80 6.20 18.97
CA SER D 34 5.94 5.05 19.15
C SER D 34 4.53 5.47 18.72
N LEU D 35 3.87 4.62 17.94
CA LEU D 35 2.62 4.96 17.21
C LEU D 35 1.56 3.91 17.53
N ALA D 36 0.37 4.34 17.94
CA ALA D 36 -0.66 3.39 18.37
C ALA D 36 -1.66 3.23 17.22
N THR D 37 -1.98 1.99 16.85
CA THR D 37 -3.11 1.74 15.98
C THR D 37 -4.10 0.82 16.71
N ASN D 38 -5.38 0.86 16.32
CA ASN D 38 -6.40 0.01 16.97
C ASN D 38 -7.24 -0.84 16.02
N GLU D 39 -7.67 -2.00 16.52
CA GLU D 39 -8.62 -2.86 15.82
C GLU D 39 -9.82 -3.20 16.68
N PHE D 40 -10.96 -3.40 16.01
CA PHE D 40 -12.26 -3.66 16.66
C PHE D 40 -12.96 -4.85 16.00
N TRP D 41 -13.40 -5.82 16.80
CA TRP D 41 -14.14 -6.99 16.27
C TRP D 41 -14.93 -7.81 17.31
N ARG D 42 -15.81 -8.68 16.81
CA ARG D 42 -16.65 -9.54 17.66
C ARG D 42 -16.25 -11.01 17.59
N ASP D 43 -16.13 -11.66 18.75
CA ASP D 43 -15.40 -12.94 18.88
C ASP D 43 -16.25 -14.18 18.60
N ARG D 44 -16.56 -14.43 17.32
CA ARG D 44 -17.41 -15.54 16.91
C ARG D 44 -16.90 -16.89 17.43
N ASN D 47 -18.84 -13.69 21.24
CA ASN D 47 -18.68 -12.71 22.30
C ASN D 47 -18.78 -11.27 21.77
N GLU D 48 -18.44 -10.31 22.63
CA GLU D 48 -17.68 -9.11 22.22
C GLU D 48 -18.28 -8.35 21.05
N LEU D 49 -17.74 -7.16 20.74
CA LEU D 49 -17.30 -6.18 21.73
C LEU D 49 -15.80 -6.21 22.08
N LYS D 50 -14.94 -6.45 21.08
CA LYS D 50 -13.53 -6.71 21.34
C LYS D 50 -12.59 -5.79 20.55
N SER D 51 -11.43 -5.48 21.14
CA SER D 51 -10.60 -4.35 20.71
C SER D 51 -9.16 -4.46 21.22
N LYS D 52 -8.23 -3.95 20.42
CA LYS D 52 -6.80 -4.21 20.62
C LYS D 52 -6.00 -3.03 20.08
N THR D 53 -5.16 -2.46 20.94
CA THR D 53 -4.21 -1.42 20.55
C THR D 53 -2.80 -1.98 20.32
N ASP D 54 -2.20 -1.67 19.18
CA ASP D 54 -0.83 -2.12 18.89
C ASP D 54 0.12 -0.92 18.90
N TRP D 55 1.31 -1.10 19.48
CA TRP D 55 2.25 0.00 19.62
C TRP D 55 3.45 -0.33 18.76
N HIS D 56 3.68 0.49 17.75
CA HIS D 56 4.66 0.25 16.70
C HIS D 56 5.85 1.18 16.96
N ARG D 57 7.06 0.62 16.98
CA ARG D 57 8.26 1.42 17.06
C ARG D 57 8.70 1.93 15.70
N ILE D 58 8.72 3.26 15.54
CA ILE D 58 9.07 3.89 14.27
C ILE D 58 10.48 4.45 14.39
N VAL D 59 11.37 4.01 13.50
CA VAL D 59 12.74 4.50 13.46
C VAL D 59 12.97 5.18 12.13
N VAL D 60 13.39 6.42 12.20
CA VAL D 60 13.49 7.22 10.99
C VAL D 60 14.93 7.65 10.73
N TYR D 61 15.45 7.29 9.57
CA TYR D 61 16.83 7.64 9.17
C TYR D 61 16.86 8.68 8.05
N ASP D 62 15.73 8.89 7.40
CA ASP D 62 15.61 9.87 6.34
C ASP D 62 15.78 11.25 6.96
N GLN D 63 16.82 11.99 6.54
CA GLN D 63 17.18 13.24 7.18
C GLN D 63 16.13 14.34 7.06
N ASN D 64 15.53 14.51 5.87
CA ASN D 64 14.42 15.46 5.76
C ASN D 64 13.23 15.15 6.68
N ILE D 65 12.90 13.87 6.82
CA ILE D 65 11.79 13.52 7.73
C ILE D 65 12.15 13.69 9.20
N VAL D 66 13.40 13.38 9.55
CA VAL D 66 13.87 13.59 10.93
C VAL D 66 13.78 15.07 11.30
N ASP D 67 14.13 15.92 10.35
CA ASP D 67 14.08 17.38 10.50
C ASP D 67 12.63 17.83 10.81
N LEU D 68 11.68 17.33 10.03
CA LEU D 68 10.27 17.65 10.27
C LEU D 68 9.81 17.14 11.64
N ILE D 69 10.27 15.97 12.02
CA ILE D 69 9.87 15.41 13.30
C ILE D 69 10.40 16.25 14.46
N ASP D 70 11.68 16.62 14.37
CA ASP D 70 12.32 17.51 15.33
C ASP D 70 11.52 18.81 15.47
N LYS D 71 11.19 19.43 14.34
CA LYS D 71 10.45 20.68 14.41
C LYS D 71 9.05 20.52 14.95
N TYR D 72 8.32 19.52 14.47
CA TYR D 72 6.84 19.57 14.52
C TYR D 72 6.14 18.42 15.26
N LEU D 73 6.75 17.24 15.33
CA LEU D 73 6.04 16.07 15.85
C LEU D 73 6.02 16.02 17.36
N ARG D 74 4.83 15.83 17.94
CA ARG D 74 4.67 15.93 19.37
C ARG D 74 3.81 14.75 19.80
N LYS D 75 3.93 14.38 21.06
CA LYS D 75 3.10 13.34 21.64
C LYS D 75 1.63 13.65 21.41
N GLY D 76 0.87 12.68 20.89
CA GLY D 76 -0.56 12.86 20.74
C GLY D 76 -1.00 13.17 19.32
N ARG D 77 -0.05 13.51 18.46
CA ARG D 77 -0.36 13.87 17.09
C ARG D 77 -0.79 12.65 16.26
N ARG D 78 -1.72 12.85 15.34
CA ARG D 78 -2.11 11.81 14.42
C ARG D 78 -1.25 11.93 13.14
N VAL D 79 -0.72 10.81 12.67
CA VAL D 79 0.14 10.83 11.49
C VAL D 79 -0.06 9.58 10.65
N TYR D 80 0.19 9.71 9.35
CA TYR D 80 0.42 8.61 8.45
C TYR D 80 1.90 8.34 8.38
N VAL D 81 2.27 7.08 8.46
CA VAL D 81 3.67 6.70 8.45
C VAL D 81 3.77 5.57 7.46
N GLN D 82 4.78 5.60 6.61
CA GLN D 82 5.03 4.45 5.75
C GLN D 82 6.49 4.07 5.67
N GLY D 83 6.79 2.79 5.85
CA GLY D 83 8.17 2.32 5.63
C GLY D 83 8.23 0.83 5.34
N SER D 84 9.19 0.18 5.99
CA SER D 84 9.39 -1.21 5.81
C SER D 84 9.65 -1.86 7.15
N LEU D 85 9.20 -3.11 7.28
CA LEU D 85 9.13 -3.80 8.57
C LEU D 85 10.36 -4.67 8.74
N HIS D 86 11.09 -4.50 9.84
CA HIS D 86 12.34 -5.24 10.07
C HIS D 86 12.49 -5.65 11.52
N THR D 87 13.02 -6.85 11.73
CA THR D 87 13.22 -7.33 13.07
C THR D 87 14.71 -7.53 13.33
N ARG D 88 15.10 -7.36 14.59
CA ARG D 88 16.48 -7.18 15.00
C ARG D 88 16.63 -8.01 16.27
N LYS D 89 17.67 -8.83 16.34
CA LYS D 89 18.05 -9.49 17.62
C LYS D 89 19.14 -8.72 18.35
N TRP D 90 19.08 -8.72 19.66
CA TRP D 90 20.20 -8.22 20.45
C TRP D 90 20.39 -9.04 21.71
N HIS D 91 21.53 -8.87 22.35
CA HIS D 91 21.91 -9.72 23.47
C HIS D 91 22.08 -8.89 24.74
N THR D 92 21.61 -9.44 25.86
CA THR D 92 21.98 -8.96 27.19
C THR D 92 23.22 -9.70 27.67
N ASN D 96 22.81 -9.41 31.41
CA ASN D 96 22.29 -10.77 31.60
C ASN D 96 22.96 -11.74 30.63
N SER D 97 22.17 -12.65 30.04
CA SER D 97 22.70 -13.70 29.16
C SER D 97 21.87 -14.15 27.94
N GLN D 98 20.95 -13.30 27.43
CA GLN D 98 19.84 -13.79 26.58
C GLN D 98 19.58 -13.01 25.27
N PRO D 99 19.00 -13.68 24.23
CA PRO D 99 18.76 -13.11 22.88
C PRO D 99 17.32 -12.62 22.65
N LYS D 100 17.13 -11.32 22.63
CA LYS D 100 15.81 -10.71 22.41
C LYS D 100 15.59 -10.22 20.98
N GLN D 101 14.34 -9.93 20.65
CA GLN D 101 13.96 -9.48 19.32
C GLN D 101 13.11 -8.21 19.43
N ILE D 102 13.43 -7.23 18.59
CA ILE D 102 12.58 -6.05 18.45
C ILE D 102 12.07 -5.87 17.01
N THR D 103 10.78 -5.57 16.86
CA THR D 103 10.23 -5.21 15.55
C THR D 103 10.14 -3.71 15.38
N GLU D 104 10.71 -3.23 14.29
CA GLU D 104 10.74 -1.78 14.00
C GLU D 104 10.22 -1.49 12.60
N ILE D 105 9.53 -0.36 12.44
CA ILE D 105 9.16 0.11 11.12
C ILE D 105 10.22 1.16 10.77
N ILE D 106 10.93 0.94 9.67
CA ILE D 106 12.08 1.77 9.35
C ILE D 106 11.71 2.67 8.20
N LEU D 107 11.99 3.96 8.36
CA LEU D 107 11.91 4.89 7.23
C LEU D 107 13.30 5.30 6.81
N SER D 108 13.76 4.75 5.68
CA SER D 108 15.08 5.05 5.12
C SER D 108 15.07 6.30 4.24
N TYR D 109 16.26 6.86 4.00
CA TYR D 109 16.45 7.81 2.90
C TYR D 109 15.65 7.39 1.68
N ASN D 110 14.66 8.18 1.30
CA ASN D 110 14.03 8.05 0.00
C ASN D 110 12.85 7.09 -0.07
N LYS D 111 12.72 6.22 0.94
CA LYS D 111 11.86 5.03 0.82
C LYS D 111 10.59 5.07 1.69
N GLY D 112 10.58 5.96 2.68
CA GLY D 112 9.47 6.11 3.62
C GLY D 112 8.76 7.43 3.46
N ASP D 113 7.73 7.65 4.26
CA ASP D 113 6.99 8.89 4.15
C ASP D 113 6.25 9.12 5.44
N LEU D 114 6.01 10.39 5.73
CA LEU D 114 5.35 10.79 6.95
C LEU D 114 4.45 11.95 6.60
N ILE D 115 3.18 11.86 7.00
CA ILE D 115 2.26 12.95 6.75
C ILE D 115 1.53 13.28 8.06
N PHE D 116 1.58 14.54 8.46
CA PHE D 116 0.95 15.02 9.68
C PHE D 116 -0.54 15.17 9.43
N LEU D 117 -1.33 14.50 10.24
CA LEU D 117 -2.78 14.50 10.05
C LEU D 117 -3.53 15.17 11.22
N ASP D 118 -3.05 16.25 11.82
CA ASP D 118 -3.95 16.93 12.77
C ASP D 118 -3.69 16.65 14.24
#